data_3OGA
#
_entry.id   3OGA
#
_cell.length_a   41.589
_cell.length_b   81.104
_cell.length_c   110.075
_cell.angle_alpha   90.00
_cell.angle_beta   90.00
_cell.angle_gamma   90.00
#
_symmetry.space_group_name_H-M   'P 21 21 21'
#
loop_
_entity.id
_entity.type
_entity.pdbx_description
1 polymer 'Nucleoside triphosphatase nudI'
2 non-polymer BETA-MERCAPTOETHANOL
3 non-polymer 'PHOSPHATE ION'
4 water water
#
_entity_poly.entity_id   1
_entity_poly.type   'polypeptide(L)'
_entity_poly.pdbx_seq_one_letter_code
;MHHHHHHSSGVDLGTENLYFQSNAMRQRTIVCPLIQNDGCYLLCKMADNRGVFPGQWALSGGGVEPGERIEEALRREIRE
ELGEQLILSDITPWTFRDDIRIKTYADGRQEEIYMIYLIFDCVSANRDICINDEFQDYAWVKPEELALYDLNVATRHTLA
LKGLL
;
_entity_poly.pdbx_strand_id   A,B
#
# COMPACT_ATOMS: atom_id res chain seq x y z
N ALA A 24 -9.69 -1.28 20.94
CA ALA A 24 -8.30 -1.67 21.34
C ALA A 24 -7.87 -2.94 20.64
N MET A 25 -8.35 -3.13 19.41
N MET A 25 -8.35 -3.13 19.41
CA MET A 25 -7.98 -4.33 18.67
CA MET A 25 -7.98 -4.34 18.68
C MET A 25 -6.53 -4.23 18.23
C MET A 25 -6.53 -4.23 18.21
N ARG A 26 -5.83 -5.35 18.24
CA ARG A 26 -4.46 -5.37 17.80
C ARG A 26 -4.44 -5.02 16.30
N GLN A 27 -3.56 -4.09 15.92
CA GLN A 27 -3.46 -3.73 14.51
C GLN A 27 -2.01 -3.50 14.14
N ARG A 28 -1.63 -4.05 13.00
CA ARG A 28 -0.25 -3.93 12.55
C ARG A 28 -0.13 -3.68 11.07
N THR A 29 0.98 -3.07 10.67
CA THR A 29 1.30 -2.86 9.27
C THR A 29 2.39 -3.89 8.99
N ILE A 30 2.17 -4.68 7.95
CA ILE A 30 3.06 -5.76 7.58
C ILE A 30 3.68 -5.46 6.22
N VAL A 31 5.00 -5.63 6.11
CA VAL A 31 5.69 -5.46 4.83
C VAL A 31 6.03 -6.85 4.29
N CYS A 32 5.70 -7.07 3.02
N CYS A 32 5.71 -7.07 3.01
N CYS A 32 5.73 -7.05 3.00
CA CYS A 32 5.97 -8.36 2.38
CA CYS A 32 5.92 -8.36 2.37
CA CYS A 32 5.87 -8.35 2.34
C CYS A 32 6.60 -8.20 1.02
C CYS A 32 6.55 -8.26 0.99
C CYS A 32 6.57 -8.23 0.98
N PRO A 33 7.71 -8.92 0.79
CA PRO A 33 8.34 -8.86 -0.50
C PRO A 33 7.95 -10.05 -1.41
N LEU A 34 7.61 -9.75 -2.64
CA LEU A 34 7.41 -10.76 -3.68
C LEU A 34 8.72 -10.70 -4.44
N ILE A 35 9.56 -11.71 -4.19
CA ILE A 35 10.93 -11.73 -4.71
C ILE A 35 11.00 -12.62 -5.93
N GLN A 36 11.54 -12.04 -6.98
CA GLN A 36 11.68 -12.67 -8.30
C GLN A 36 13.13 -12.71 -8.70
N ASN A 37 13.54 -13.81 -9.32
CA ASN A 37 14.87 -13.93 -9.93
C ASN A 37 14.75 -14.77 -11.19
N ASP A 38 15.21 -14.21 -12.31
CA ASP A 38 15.21 -14.93 -13.58
C ASP A 38 13.88 -15.63 -13.86
N GLY A 39 12.78 -14.94 -13.56
CA GLY A 39 11.44 -15.46 -13.85
C GLY A 39 10.82 -16.38 -12.81
N CYS A 40 11.56 -16.73 -11.79
CA CYS A 40 11.03 -17.58 -10.72
C CYS A 40 10.76 -16.77 -9.46
N TYR A 41 9.78 -17.20 -8.70
CA TYR A 41 9.38 -16.54 -7.48
C TYR A 41 9.75 -17.31 -6.27
N LEU A 42 10.18 -16.61 -5.24
CA LEU A 42 10.57 -17.29 -4.00
C LEU A 42 9.37 -17.56 -3.10
N LEU A 43 9.22 -18.82 -2.69
CA LEU A 43 8.25 -19.20 -1.68
C LEU A 43 8.99 -19.80 -0.50
N CYS A 44 8.48 -19.57 0.69
CA CYS A 44 9.08 -20.07 1.91
C CYS A 44 8.10 -20.96 2.65
N LYS A 45 8.56 -22.11 3.11
CA LYS A 45 7.66 -23.03 3.81
C LYS A 45 7.73 -22.74 5.30
N MET A 46 6.60 -22.37 5.89
CA MET A 46 6.56 -22.05 7.31
C MET A 46 6.91 -23.27 8.14
N ALA A 47 7.62 -23.04 9.25
CA ALA A 47 7.97 -24.13 10.14
C ALA A 47 6.68 -24.70 10.76
N ASP A 48 6.64 -26.00 10.98
CA ASP A 48 5.46 -26.62 11.57
C ASP A 48 4.98 -25.86 12.81
N GLY A 55 1.89 -26.12 8.50
CA GLY A 55 3.05 -25.58 7.78
C GLY A 55 2.87 -25.37 6.27
N GLN A 56 2.33 -24.22 5.87
CA GLN A 56 2.08 -23.91 4.47
C GLN A 56 3.19 -23.05 3.85
N TRP A 57 3.13 -22.90 2.54
CA TRP A 57 4.09 -22.08 1.77
C TRP A 57 3.57 -20.65 1.68
N ALA A 58 4.49 -19.70 1.79
CA ALA A 58 4.13 -18.30 1.83
C ALA A 58 5.23 -17.37 1.36
N LEU A 59 4.84 -16.11 1.19
CA LEU A 59 5.81 -15.07 1.01
C LEU A 59 6.27 -14.73 2.41
N SER A 60 7.47 -14.21 2.54
CA SER A 60 8.02 -13.75 3.79
C SER A 60 7.47 -12.38 4.14
N GLY A 61 7.91 -11.84 5.26
CA GLY A 61 7.42 -10.53 5.63
C GLY A 61 7.22 -10.42 7.12
N GLY A 62 7.03 -9.17 7.56
CA GLY A 62 6.93 -8.93 8.96
C GLY A 62 6.47 -7.53 9.31
N GLY A 63 6.38 -7.27 10.60
CA GLY A 63 5.82 -6.03 11.06
C GLY A 63 6.79 -4.89 11.03
N VAL A 64 6.24 -3.70 10.86
CA VAL A 64 7.00 -2.49 10.92
C VAL A 64 7.03 -2.10 12.37
N GLU A 65 8.23 -1.86 12.90
CA GLU A 65 8.42 -1.51 14.28
C GLU A 65 8.54 0.01 14.48
N PRO A 66 8.32 0.50 15.72
CA PRO A 66 8.42 1.93 15.95
C PRO A 66 9.77 2.50 15.53
N GLY A 67 9.74 3.65 14.87
CA GLY A 67 10.95 4.29 14.39
C GLY A 67 11.52 3.81 13.07
N GLU A 68 10.91 2.77 12.49
CA GLU A 68 11.39 2.26 11.23
C GLU A 68 10.60 2.79 10.06
N ARG A 69 11.29 3.07 8.96
CA ARG A 69 10.60 3.33 7.70
C ARG A 69 10.17 1.98 7.11
N ILE A 70 9.15 1.98 6.24
CA ILE A 70 8.67 0.72 5.69
C ILE A 70 9.70 -0.10 4.92
N GLU A 71 10.52 0.55 4.09
CA GLU A 71 11.55 -0.19 3.38
C GLU A 71 12.67 -0.67 4.30
N GLU A 72 12.93 0.08 5.37
N GLU A 72 12.93 0.07 5.37
CA GLU A 72 13.91 -0.37 6.36
CA GLU A 72 13.89 -0.33 6.37
C GLU A 72 13.43 -1.65 7.03
C GLU A 72 13.42 -1.63 7.04
N ALA A 73 12.14 -1.68 7.38
CA ALA A 73 11.53 -2.87 8.00
C ALA A 73 11.63 -4.02 7.02
N LEU A 74 11.35 -3.77 5.74
CA LEU A 74 11.39 -4.83 4.74
C LEU A 74 12.79 -5.43 4.62
N ARG A 75 13.79 -4.56 4.52
N ARG A 75 13.78 -4.56 4.52
CA ARG A 75 15.17 -5.05 4.38
CA ARG A 75 15.17 -5.03 4.38
C ARG A 75 15.61 -5.82 5.62
C ARG A 75 15.62 -5.81 5.62
N ARG A 76 15.21 -5.36 6.80
CA ARG A 76 15.51 -6.05 8.05
C ARG A 76 14.87 -7.45 8.06
N GLU A 77 13.60 -7.53 7.72
CA GLU A 77 12.92 -8.85 7.66
C GLU A 77 13.58 -9.78 6.68
N ILE A 78 14.00 -9.27 5.55
CA ILE A 78 14.69 -10.09 4.56
C ILE A 78 16.00 -10.64 5.11
N ARG A 79 16.83 -9.78 5.71
N ARG A 79 16.82 -9.76 5.69
CA ARG A 79 18.10 -10.25 6.26
CA ARG A 79 18.09 -10.20 6.30
C ARG A 79 17.88 -11.28 7.37
C ARG A 79 17.84 -11.30 7.34
N GLU A 80 16.87 -11.05 8.22
CA GLU A 80 16.58 -11.97 9.31
C GLU A 80 16.11 -13.35 8.86
N GLU A 81 15.15 -13.34 7.93
N GLU A 81 15.16 -13.41 7.94
CA GLU A 81 14.49 -14.55 7.47
CA GLU A 81 14.62 -14.72 7.57
C GLU A 81 15.18 -15.30 6.35
C GLU A 81 15.14 -15.33 6.26
N LEU A 82 15.82 -14.54 5.45
CA LEU A 82 16.41 -15.06 4.20
C LEU A 82 17.92 -14.94 4.15
N GLY A 83 18.52 -14.26 5.12
CA GLY A 83 19.98 -14.16 5.21
C GLY A 83 20.63 -12.97 4.57
N GLU A 84 21.94 -12.89 4.79
CA GLU A 84 22.76 -11.77 4.34
C GLU A 84 23.46 -11.96 3.00
N GLN A 85 23.31 -13.11 2.37
CA GLN A 85 23.95 -13.37 1.07
C GLN A 85 23.07 -12.93 -0.10
N LEU A 86 21.78 -12.80 0.17
CA LEU A 86 20.85 -12.41 -0.87
C LEU A 86 21.13 -10.97 -1.25
N ILE A 87 21.12 -10.70 -2.55
CA ILE A 87 21.36 -9.31 -3.03
C ILE A 87 20.19 -8.91 -3.88
N LEU A 88 19.53 -7.84 -3.46
CA LEU A 88 18.38 -7.30 -4.18
C LEU A 88 18.82 -6.24 -5.16
N SER A 89 18.30 -6.29 -6.36
CA SER A 89 18.61 -5.29 -7.36
C SER A 89 17.59 -4.18 -7.44
N ASP A 90 16.35 -4.49 -7.07
CA ASP A 90 15.31 -3.48 -7.11
C ASP A 90 14.24 -3.81 -6.09
N ILE A 91 13.75 -2.79 -5.41
CA ILE A 91 12.62 -2.88 -4.48
C ILE A 91 11.66 -1.75 -4.84
N THR A 92 10.43 -2.10 -5.17
CA THR A 92 9.42 -1.13 -5.59
C THR A 92 8.06 -1.42 -4.92
N PRO A 93 7.45 -0.42 -4.30
CA PRO A 93 6.11 -0.66 -3.79
C PRO A 93 5.20 -1.11 -4.90
N TRP A 94 4.39 -2.13 -4.64
CA TRP A 94 3.43 -2.63 -5.62
C TRP A 94 2.01 -2.24 -5.19
N THR A 95 1.44 -2.94 -4.23
CA THR A 95 0.06 -2.62 -3.79
C THR A 95 -0.15 -2.96 -2.34
N PHE A 96 -1.35 -2.67 -1.84
CA PHE A 96 -1.67 -2.94 -0.46
C PHE A 96 -3.10 -3.47 -0.36
N ARG A 97 -3.37 -4.10 0.78
CA ARG A 97 -4.74 -4.48 1.13
C ARG A 97 -4.84 -4.71 2.63
N ASP A 98 -6.06 -4.83 3.15
CA ASP A 98 -6.20 -5.13 4.55
C ASP A 98 -6.63 -6.56 4.74
N ASP A 99 -6.56 -7.03 5.96
CA ASP A 99 -6.98 -8.42 6.26
C ASP A 99 -7.37 -8.45 7.72
N ILE A 100 -8.21 -9.39 8.09
CA ILE A 100 -8.55 -9.58 9.51
C ILE A 100 -8.31 -11.04 9.78
N ARG A 101 -7.61 -11.33 10.87
CA ARG A 101 -7.29 -12.70 11.23
C ARG A 101 -7.65 -12.91 12.69
N ILE A 102 -7.95 -14.16 13.04
CA ILE A 102 -8.19 -14.51 14.43
C ILE A 102 -7.04 -15.42 14.80
N LYS A 103 -6.21 -14.92 15.71
CA LYS A 103 -5.04 -15.63 16.20
C LYS A 103 -5.27 -16.26 17.58
N THR A 104 -4.71 -17.45 17.76
CA THR A 104 -4.80 -18.18 19.00
C THR A 104 -3.36 -18.33 19.49
N TYR A 105 -3.02 -17.61 20.57
CA TYR A 105 -1.65 -17.60 21.10
C TYR A 105 -1.26 -18.94 21.72
N GLY A 108 -3.27 -19.49 26.39
CA GLY A 108 -3.52 -19.40 24.94
C GLY A 108 -4.94 -18.93 24.63
N ARG A 109 -5.10 -17.64 24.34
CA ARG A 109 -6.44 -17.07 24.08
C ARG A 109 -6.55 -16.67 22.61
N GLN A 110 -7.77 -16.38 22.17
CA GLN A 110 -8.05 -15.97 20.79
C GLN A 110 -8.24 -14.47 20.68
N GLU A 111 -7.62 -13.88 19.66
CA GLU A 111 -7.74 -12.46 19.47
C GLU A 111 -7.74 -12.15 17.97
N GLU A 112 -8.57 -11.17 17.61
CA GLU A 112 -8.62 -10.63 16.26
C GLU A 112 -7.42 -9.70 16.07
N ILE A 113 -6.82 -9.73 14.89
CA ILE A 113 -5.75 -8.80 14.54
C ILE A 113 -6.11 -8.19 13.18
N TYR A 114 -6.04 -6.87 13.09
CA TYR A 114 -6.32 -6.17 11.83
C TYR A 114 -4.99 -5.82 11.21
N MET A 115 -4.75 -6.25 9.96
CA MET A 115 -3.49 -5.98 9.33
C MET A 115 -3.62 -5.20 8.02
N ILE A 116 -2.62 -4.38 7.77
CA ILE A 116 -2.49 -3.73 6.49
C ILE A 116 -1.26 -4.37 5.88
N TYR A 117 -1.42 -4.98 4.73
CA TYR A 117 -0.31 -5.59 4.01
C TYR A 117 0.25 -4.60 2.96
N LEU A 118 1.54 -4.32 3.05
CA LEU A 118 2.24 -3.46 2.09
C LEU A 118 3.16 -4.42 1.30
N ILE A 119 2.81 -4.64 0.03
CA ILE A 119 3.50 -5.62 -0.79
C ILE A 119 4.45 -4.96 -1.80
N PHE A 120 5.71 -5.38 -1.73
CA PHE A 120 6.73 -4.80 -2.59
C PHE A 120 7.17 -5.80 -3.64
N ASP A 121 7.34 -5.31 -4.86
CA ASP A 121 7.96 -6.13 -5.90
C ASP A 121 9.47 -6.02 -5.75
N CYS A 122 10.14 -7.16 -5.66
N CYS A 122 10.14 -7.18 -5.66
CA CYS A 122 11.56 -7.16 -5.49
CA CYS A 122 11.57 -7.21 -5.41
C CYS A 122 12.18 -8.04 -6.55
C CYS A 122 12.35 -8.15 -6.33
N VAL A 123 13.31 -7.60 -7.09
CA VAL A 123 14.08 -8.41 -8.00
C VAL A 123 15.40 -8.69 -7.28
N SER A 124 15.79 -9.96 -7.22
CA SER A 124 17.06 -10.32 -6.57
C SER A 124 18.06 -10.54 -7.65
N ALA A 125 19.30 -10.19 -7.33
CA ALA A 125 20.40 -10.34 -8.26
C ALA A 125 20.91 -11.76 -8.27
N ASN A 126 20.62 -12.49 -7.20
CA ASN A 126 21.09 -13.86 -7.05
C ASN A 126 20.01 -14.69 -6.36
N ARG A 127 20.31 -15.94 -6.06
N ARG A 127 20.31 -15.95 -6.11
CA ARG A 127 19.31 -16.78 -5.40
CA ARG A 127 19.38 -16.85 -5.45
C ARG A 127 19.78 -17.32 -4.07
C ARG A 127 20.00 -17.45 -4.19
N ASP A 128 20.78 -16.64 -3.50
CA ASP A 128 21.48 -17.08 -2.30
C ASP A 128 20.65 -16.84 -1.06
N ILE A 129 19.93 -17.88 -0.64
CA ILE A 129 19.04 -17.82 0.50
C ILE A 129 19.57 -18.63 1.66
N CYS A 130 19.44 -18.08 2.86
N CYS A 130 19.49 -18.07 2.87
CA CYS A 130 19.85 -18.76 4.08
CA CYS A 130 19.82 -18.83 4.07
C CYS A 130 18.68 -18.61 5.05
C CYS A 130 18.67 -18.63 5.03
N ILE A 131 17.91 -19.68 5.26
CA ILE A 131 16.74 -19.56 6.12
C ILE A 131 17.02 -19.71 7.62
N ASN A 132 16.12 -19.12 8.40
N ASN A 132 16.16 -19.11 8.43
CA ASN A 132 16.15 -19.06 9.86
CA ASN A 132 16.25 -19.18 9.88
C ASN A 132 15.08 -20.01 10.37
C ASN A 132 15.09 -20.03 10.38
N ASP A 133 14.80 -19.96 11.68
CA ASP A 133 13.76 -20.80 12.27
C ASP A 133 12.30 -20.46 11.90
N GLU A 134 12.03 -19.32 11.28
CA GLU A 134 10.65 -19.07 10.85
C GLU A 134 10.29 -19.98 9.66
N PHE A 135 11.31 -20.46 8.95
CA PHE A 135 11.08 -21.32 7.76
C PHE A 135 11.78 -22.66 7.80
N GLN A 136 11.10 -23.66 7.27
CA GLN A 136 11.52 -25.05 7.19
C GLN A 136 12.18 -25.34 5.83
N ASP A 137 11.85 -24.55 4.83
CA ASP A 137 12.33 -24.80 3.49
C ASP A 137 11.99 -23.60 2.62
N TYR A 138 12.50 -23.61 1.40
CA TYR A 138 12.22 -22.55 0.44
C TYR A 138 12.37 -23.10 -0.94
N ALA A 139 11.83 -22.38 -1.91
CA ALA A 139 11.84 -22.79 -3.28
C ALA A 139 11.77 -21.59 -4.21
N TRP A 140 12.45 -21.69 -5.35
CA TRP A 140 12.32 -20.74 -6.45
C TRP A 140 11.39 -21.41 -7.45
N VAL A 141 10.22 -20.83 -7.67
CA VAL A 141 9.14 -21.50 -8.41
C VAL A 141 8.71 -20.75 -9.68
N LYS A 142 8.59 -21.47 -10.80
CA LYS A 142 8.12 -20.86 -12.04
C LYS A 142 6.65 -20.57 -11.89
N PRO A 143 6.16 -19.50 -12.55
CA PRO A 143 4.77 -19.15 -12.32
C PRO A 143 3.81 -20.28 -12.59
N GLU A 144 4.09 -21.07 -13.61
CA GLU A 144 3.21 -22.19 -13.97
C GLU A 144 3.16 -23.32 -12.93
N GLU A 145 4.07 -23.31 -11.96
CA GLU A 145 4.06 -24.32 -10.90
C GLU A 145 3.59 -23.80 -9.55
N LEU A 146 3.31 -22.50 -9.42
CA LEU A 146 2.86 -21.96 -8.13
C LEU A 146 1.62 -22.67 -7.56
N ALA A 147 0.72 -23.03 -8.46
CA ALA A 147 -0.53 -23.70 -8.10
C ALA A 147 -0.31 -25.10 -7.54
N LEU A 148 0.87 -25.66 -7.77
CA LEU A 148 1.18 -26.98 -7.23
C LEU A 148 1.45 -26.93 -5.74
N TYR A 149 1.71 -25.74 -5.21
CA TYR A 149 2.07 -25.58 -3.81
C TYR A 149 0.89 -25.39 -2.88
N ASP A 150 1.06 -25.84 -1.65
CA ASP A 150 0.08 -25.65 -0.57
C ASP A 150 0.37 -24.30 0.06
N LEU A 151 -0.13 -23.27 -0.59
CA LEU A 151 0.08 -21.85 -0.16
C LEU A 151 -0.93 -21.45 0.84
N ASN A 152 -0.56 -20.54 1.72
CA ASN A 152 -1.55 -20.05 2.63
C ASN A 152 -2.42 -19.02 1.91
N VAL A 153 -3.55 -18.70 2.55
CA VAL A 153 -4.54 -17.82 1.99
C VAL A 153 -4.02 -16.49 1.51
N ALA A 154 -3.26 -15.79 2.34
CA ALA A 154 -2.75 -14.49 1.96
C ALA A 154 -1.83 -14.57 0.73
N THR A 155 -1.07 -15.65 0.63
CA THR A 155 -0.15 -15.79 -0.48
C THR A 155 -0.93 -16.08 -1.74
N ARG A 156 -1.96 -16.91 -1.68
CA ARG A 156 -2.78 -17.15 -2.89
C ARG A 156 -3.38 -15.86 -3.36
N HIS A 157 -3.91 -15.07 -2.42
CA HIS A 157 -4.53 -13.82 -2.81
C HIS A 157 -3.59 -12.87 -3.52
N THR A 158 -2.39 -12.72 -2.97
CA THR A 158 -1.37 -11.85 -3.53
C THR A 158 -0.94 -12.32 -4.92
N LEU A 159 -0.68 -13.63 -5.06
CA LEU A 159 -0.25 -14.14 -6.35
C LEU A 159 -1.33 -14.03 -7.40
N ALA A 160 -2.59 -14.26 -7.02
CA ALA A 160 -3.70 -14.14 -7.97
C ALA A 160 -3.84 -12.71 -8.47
N LEU A 161 -3.63 -11.76 -7.58
N LEU A 161 -3.67 -11.74 -7.58
CA LEU A 161 -3.75 -10.35 -7.92
CA LEU A 161 -3.76 -10.35 -7.99
C LEU A 161 -2.63 -9.90 -8.84
C LEU A 161 -2.68 -10.01 -9.00
N LYS A 162 -1.52 -10.62 -8.82
CA LYS A 162 -0.38 -10.33 -9.67
C LYS A 162 -0.53 -11.00 -11.00
N GLY A 163 -1.52 -11.88 -11.15
CA GLY A 163 -1.73 -12.59 -12.40
C GLY A 163 -0.80 -13.79 -12.58
N LEU A 164 -0.25 -14.29 -11.47
CA LEU A 164 0.71 -15.40 -11.50
C LEU A 164 0.10 -16.76 -11.21
N LEU A 165 -1.10 -16.75 -10.65
CA LEU A 165 -1.74 -17.97 -10.21
C LEU A 165 -2.98 -18.29 -11.02
N ARG B 26 4.50 9.58 16.38
CA ARG B 26 5.50 9.38 15.29
C ARG B 26 4.92 8.75 14.03
N GLN B 27 3.88 7.93 14.17
CA GLN B 27 3.33 7.13 13.07
C GLN B 27 1.91 7.46 12.57
N ARG B 28 1.75 7.69 11.27
CA ARG B 28 0.43 8.01 10.75
C ARG B 28 0.14 7.34 9.40
N THR B 29 -1.01 6.69 9.30
CA THR B 29 -1.48 6.11 8.05
C THR B 29 -2.47 7.09 7.45
N ILE B 30 -2.25 7.46 6.20
CA ILE B 30 -3.11 8.40 5.46
C ILE B 30 -3.70 7.72 4.24
N VAL B 31 -5.02 7.84 4.05
CA VAL B 31 -5.70 7.29 2.90
C VAL B 31 -6.07 8.41 1.93
N CYS B 32 -5.79 8.18 0.64
N CYS B 32 -5.80 8.14 0.64
CA CYS B 32 -6.02 9.18 -0.41
CA CYS B 32 -5.94 9.12 -0.44
C CYS B 32 -6.70 8.55 -1.60
C CYS B 32 -6.66 8.55 -1.67
N PRO B 33 -7.77 9.19 -2.10
CA PRO B 33 -8.47 8.72 -3.28
C PRO B 33 -8.12 9.49 -4.55
N LEU B 34 -7.78 8.80 -5.60
CA LEU B 34 -7.61 9.38 -6.93
C LEU B 34 -8.94 9.10 -7.58
N ILE B 35 -9.81 10.10 -7.58
CA ILE B 35 -11.17 9.93 -8.03
C ILE B 35 -11.37 10.32 -9.46
N GLN B 36 -11.97 9.45 -10.25
CA GLN B 36 -12.23 9.83 -11.61
C GLN B 36 -13.68 9.60 -11.99
N ASN B 37 -14.14 10.38 -12.97
CA ASN B 37 -15.48 10.24 -13.50
C ASN B 37 -15.49 10.65 -14.98
N ASP B 38 -15.95 9.72 -15.81
N ASP B 38 -15.96 9.75 -15.83
CA ASP B 38 -16.06 9.91 -17.27
CA ASP B 38 -16.07 10.00 -17.27
C ASP B 38 -14.82 10.55 -17.90
C ASP B 38 -14.80 10.59 -17.88
N GLY B 39 -13.66 9.99 -17.60
CA GLY B 39 -12.40 10.49 -18.18
C GLY B 39 -11.68 11.62 -17.45
N CYS B 40 -12.32 12.28 -16.49
CA CYS B 40 -11.69 13.37 -15.74
C CYS B 40 -11.34 13.00 -14.31
N TYR B 41 -10.34 13.67 -13.76
CA TYR B 41 -9.90 13.46 -12.39
C TYR B 41 -10.22 14.66 -11.50
N LEU B 42 -10.62 14.38 -10.26
CA LEU B 42 -10.94 15.46 -9.34
C LEU B 42 -9.70 16.00 -8.66
N LEU B 43 -9.53 17.32 -8.71
CA LEU B 43 -8.49 18.02 -7.96
C LEU B 43 -9.20 19.00 -7.04
N CYS B 44 -8.65 19.18 -5.84
CA CYS B 44 -9.26 20.05 -4.84
C CYS B 44 -8.22 21.08 -4.42
N LYS B 45 -8.65 22.33 -4.28
CA LYS B 45 -7.75 23.44 -3.93
C LYS B 45 -7.72 23.61 -2.42
N MET B 46 -6.52 23.49 -1.86
CA MET B 46 -6.34 23.54 -0.41
C MET B 46 -6.72 24.88 0.17
N ALA B 47 -7.45 24.85 1.28
CA ALA B 47 -7.79 26.07 2.00
C ALA B 47 -6.53 26.49 2.78
N ASP B 48 -5.69 25.50 3.05
CA ASP B 48 -4.43 25.66 3.77
C ASP B 48 -3.41 26.47 2.96
N ASN B 49 -3.34 27.74 3.32
CA ASN B 49 -2.44 28.79 2.79
C ASN B 49 -3.10 30.12 2.58
N ARG B 50 -2.29 31.17 2.69
CA ARG B 50 -2.75 32.54 2.86
C ARG B 50 -1.93 33.62 2.18
N GLY B 51 -2.43 34.85 2.29
CA GLY B 51 -1.76 35.97 1.65
C GLY B 51 -1.75 35.72 0.16
N VAL B 52 -0.67 36.15 -0.50
CA VAL B 52 -0.53 36.01 -1.94
C VAL B 52 -0.17 34.59 -2.36
N PHE B 53 0.32 33.77 -1.44
CA PHE B 53 0.73 32.39 -1.75
C PHE B 53 -0.51 31.57 -1.95
N PRO B 54 -0.80 31.17 -3.20
CA PRO B 54 -2.02 30.42 -3.43
C PRO B 54 -2.04 29.03 -2.83
N GLY B 55 -3.22 28.55 -2.48
CA GLY B 55 -3.40 27.21 -1.97
C GLY B 55 -3.15 26.34 -3.17
N GLN B 56 -2.44 25.24 -2.95
CA GLN B 56 -2.13 24.32 -4.02
C GLN B 56 -3.25 23.32 -4.22
N TRP B 57 -3.19 22.59 -5.33
CA TRP B 57 -4.21 21.61 -5.68
C TRP B 57 -3.74 20.25 -5.23
N ALA B 58 -4.70 19.44 -4.78
CA ALA B 58 -4.36 18.17 -4.19
C ALA B 58 -5.45 17.13 -4.27
N LEU B 59 -5.06 15.94 -3.83
CA LEU B 59 -5.98 14.85 -3.64
C LEU B 59 -6.36 14.93 -2.16
N SER B 60 -7.56 14.48 -1.84
N SER B 60 -7.57 14.49 -1.84
CA SER B 60 -8.04 14.43 -0.45
CA SER B 60 -7.97 14.47 -0.44
C SER B 60 -7.15 13.41 0.31
C SER B 60 -7.09 13.45 0.31
N GLY B 61 -6.95 13.63 1.60
CA GLY B 61 -6.13 12.73 2.42
C GLY B 61 -6.67 12.73 3.83
N GLY B 62 -6.96 11.55 4.37
CA GLY B 62 -7.49 11.48 5.71
C GLY B 62 -6.79 10.45 6.57
N GLY B 63 -6.82 10.65 7.88
CA GLY B 63 -6.22 9.69 8.80
C GLY B 63 -7.11 8.50 9.02
N VAL B 64 -6.56 7.50 9.68
CA VAL B 64 -7.29 6.28 9.97
C VAL B 64 -7.34 6.15 11.49
N GLU B 65 -8.53 6.12 12.04
CA GLU B 65 -8.70 6.03 13.49
C GLU B 65 -8.41 4.62 13.97
N PRO B 66 -8.03 4.48 15.24
CA PRO B 66 -7.83 3.15 15.76
C PRO B 66 -9.07 2.30 15.54
N GLY B 67 -8.86 1.09 15.04
CA GLY B 67 -9.96 0.15 14.82
C GLY B 67 -10.79 0.39 13.58
N GLU B 68 -10.45 1.42 12.81
CA GLU B 68 -11.19 1.74 11.60
C GLU B 68 -10.56 1.04 10.40
N ARG B 69 -11.35 0.42 9.52
CA ARG B 69 -10.77 -0.16 8.33
C ARG B 69 -10.31 0.95 7.37
N ILE B 70 -9.24 0.72 6.64
CA ILE B 70 -8.72 1.73 5.74
C ILE B 70 -9.75 2.20 4.72
N GLU B 71 -10.56 1.32 4.14
CA GLU B 71 -11.54 1.79 3.19
C GLU B 71 -12.65 2.63 3.87
N GLU B 72 -13.02 2.24 5.09
CA GLU B 72 -14.00 3.01 5.83
C GLU B 72 -13.44 4.42 6.10
N ALA B 73 -12.16 4.49 6.46
CA ALA B 73 -11.52 5.80 6.67
C ALA B 73 -11.52 6.64 5.40
N LEU B 74 -11.32 6.00 4.26
CA LEU B 74 -11.32 6.68 2.99
C LEU B 74 -12.75 7.21 2.69
N ARG B 75 -13.75 6.37 2.90
CA ARG B 75 -15.12 6.81 2.65
C ARG B 75 -15.51 7.95 3.59
N ARG B 76 -15.04 7.90 4.83
CA ARG B 76 -15.30 8.96 5.79
C ARG B 76 -14.66 10.27 5.35
N GLU B 77 -13.40 10.21 4.92
CA GLU B 77 -12.69 11.42 4.41
C GLU B 77 -13.47 12.03 3.24
N ILE B 78 -13.90 11.20 2.29
CA ILE B 78 -14.68 11.65 1.15
C ILE B 78 -16.00 12.29 1.61
N ARG B 79 -16.72 11.62 2.50
N ARG B 79 -16.72 11.62 2.51
CA ARG B 79 -17.98 12.20 3.01
CA ARG B 79 -17.97 12.20 3.02
C ARG B 79 -17.73 13.54 3.71
C ARG B 79 -17.71 13.56 3.67
N GLU B 80 -16.69 13.60 4.53
CA GLU B 80 -16.36 14.81 5.27
C GLU B 80 -15.91 15.99 4.43
N GLU B 81 -15.05 15.75 3.45
CA GLU B 81 -14.48 16.88 2.70
C GLU B 81 -15.07 17.08 1.30
N LEU B 82 -15.74 16.07 0.76
CA LEU B 82 -16.36 16.18 -0.56
C LEU B 82 -17.91 16.05 -0.54
N GLY B 83 -18.48 15.65 0.59
CA GLY B 83 -19.95 15.52 0.73
C GLY B 83 -20.50 14.11 0.62
N GLU B 84 -21.62 13.87 1.30
CA GLU B 84 -22.24 12.54 1.28
C GLU B 84 -22.92 12.20 -0.04
N GLN B 85 -23.08 13.21 -0.90
CA GLN B 85 -23.78 13.01 -2.16
C GLN B 85 -22.93 12.30 -3.19
N LEU B 86 -21.62 12.37 -3.03
CA LEU B 86 -20.72 11.70 -3.97
C LEU B 86 -20.82 10.19 -3.86
N ILE B 87 -21.24 9.53 -4.93
CA ILE B 87 -21.37 8.07 -4.93
C ILE B 87 -20.16 7.42 -5.60
N LEU B 88 -19.55 6.43 -4.94
CA LEU B 88 -18.41 5.74 -5.53
C LEU B 88 -18.83 4.41 -6.15
N SER B 89 -18.61 4.25 -7.46
CA SER B 89 -18.98 3.01 -8.12
C SER B 89 -17.89 1.94 -7.95
N ASP B 90 -16.68 2.39 -7.59
CA ASP B 90 -15.57 1.48 -7.38
C ASP B 90 -14.48 2.15 -6.55
N ILE B 91 -13.88 1.37 -5.65
CA ILE B 91 -12.72 1.80 -4.84
C ILE B 91 -11.79 0.60 -4.88
N THR B 92 -10.56 0.81 -5.33
CA THR B 92 -9.59 -0.25 -5.47
C THR B 92 -8.21 0.20 -5.02
N PRO B 93 -7.58 -0.56 -4.10
CA PRO B 93 -6.22 -0.15 -3.74
C PRO B 93 -5.32 -0.05 -4.96
N TRP B 94 -4.50 0.99 -5.02
CA TRP B 94 -3.56 1.14 -6.09
C TRP B 94 -2.15 0.91 -5.58
N THR B 95 -1.54 1.88 -4.89
CA THR B 95 -0.16 1.72 -4.39
C THR B 95 0.06 2.52 -3.11
N PHE B 96 1.27 2.45 -2.57
CA PHE B 96 1.59 3.13 -1.33
C PHE B 96 2.97 3.69 -1.42
N ARG B 97 3.28 4.58 -0.48
CA ARG B 97 4.64 5.06 -0.32
C ARG B 97 4.72 5.72 1.03
N ASP B 98 5.88 6.25 1.38
CA ASP B 98 5.99 6.93 2.63
C ASP B 98 6.53 8.36 2.45
N ASP B 99 6.40 9.18 3.48
CA ASP B 99 6.82 10.58 3.40
C ASP B 99 7.00 11.02 4.83
N ILE B 100 7.50 12.25 5.01
CA ILE B 100 7.69 12.80 6.33
C ILE B 100 7.21 14.23 6.30
N ARG B 101 6.75 14.71 7.45
CA ARG B 101 6.29 16.08 7.53
C ARG B 101 6.77 16.72 8.83
N ILE B 113 6.97 13.88 11.62
CA ILE B 113 6.06 12.72 11.64
C ILE B 113 6.26 11.88 10.36
N TYR B 114 6.23 10.56 10.53
CA TYR B 114 6.43 9.61 9.42
C TYR B 114 5.08 9.09 8.97
N MET B 115 4.81 9.26 7.69
N MET B 115 4.84 9.26 7.67
CA MET B 115 3.53 8.91 7.16
CA MET B 115 3.55 8.99 7.08
C MET B 115 3.64 7.78 6.16
C MET B 115 3.58 7.86 6.07
N ILE B 116 2.57 7.00 6.11
CA ILE B 116 2.40 5.94 5.13
C ILE B 116 1.18 6.38 4.33
N TYR B 117 1.36 6.55 3.04
CA TYR B 117 0.27 6.95 2.17
C TYR B 117 -0.31 5.71 1.47
N LEU B 118 -1.63 5.55 1.57
CA LEU B 118 -2.33 4.45 0.90
C LEU B 118 -3.23 5.10 -0.12
N ILE B 119 -2.91 4.88 -1.39
CA ILE B 119 -3.57 5.55 -2.49
C ILE B 119 -4.52 4.57 -3.20
N PHE B 120 -5.78 4.98 -3.31
CA PHE B 120 -6.81 4.16 -3.94
C PHE B 120 -7.28 4.78 -5.24
N ASP B 121 -7.52 3.93 -6.23
CA ASP B 121 -8.16 4.36 -7.46
C ASP B 121 -9.65 4.23 -7.22
N CYS B 122 -10.37 5.31 -7.50
CA CYS B 122 -11.80 5.34 -7.27
C CYS B 122 -12.53 5.90 -8.49
N VAL B 123 -13.76 5.42 -8.71
CA VAL B 123 -14.61 5.91 -9.80
C VAL B 123 -15.88 6.39 -9.13
N SER B 124 -16.31 7.62 -9.43
CA SER B 124 -17.53 8.15 -8.84
C SER B 124 -18.64 8.00 -9.86
N ALA B 125 -19.86 7.78 -9.38
CA ALA B 125 -21.02 7.67 -10.25
C ALA B 125 -21.49 9.04 -10.73
N ASN B 126 -21.14 10.08 -9.96
CA ASN B 126 -21.55 11.46 -10.27
C ASN B 126 -20.42 12.46 -10.05
N ARG B 127 -20.68 13.74 -10.32
CA ARG B 127 -19.68 14.78 -10.11
C ARG B 127 -20.07 15.83 -9.07
N ASP B 128 -21.10 15.54 -8.29
CA ASP B 128 -21.58 16.46 -7.28
C ASP B 128 -20.62 16.53 -6.11
N ILE B 129 -19.98 17.67 -5.91
CA ILE B 129 -19.02 17.87 -4.83
C ILE B 129 -19.47 19.01 -3.93
N CYS B 130 -19.31 18.82 -2.63
CA CYS B 130 -19.63 19.82 -1.63
C CYS B 130 -18.46 19.86 -0.66
N ILE B 131 -17.67 20.92 -0.72
CA ILE B 131 -16.48 21.01 0.11
C ILE B 131 -16.70 21.64 1.50
N ASN B 132 -15.72 21.46 2.40
CA ASN B 132 -15.81 21.99 3.78
C ASN B 132 -14.50 22.65 4.30
N ASP B 133 -13.78 22.01 5.24
CA ASP B 133 -12.55 22.63 5.80
C ASP B 133 -11.24 22.42 5.05
N GLU B 134 -11.02 21.21 4.54
CA GLU B 134 -9.78 20.88 3.86
C GLU B 134 -9.64 21.69 2.56
N PHE B 135 -10.74 21.98 1.88
CA PHE B 135 -10.68 22.63 0.57
C PHE B 135 -11.54 23.85 0.37
N GLN B 136 -11.11 24.71 -0.55
CA GLN B 136 -11.84 25.91 -0.92
C GLN B 136 -12.42 25.90 -2.33
N ASP B 137 -12.01 24.96 -3.16
CA ASP B 137 -12.52 24.88 -4.53
C ASP B 137 -12.22 23.49 -5.06
N TYR B 138 -12.78 23.15 -6.21
CA TYR B 138 -12.52 21.86 -6.84
C TYR B 138 -12.68 21.97 -8.34
N ALA B 139 -12.15 21.00 -9.06
CA ALA B 139 -12.22 20.95 -10.50
C ALA B 139 -12.12 19.51 -11.00
N TRP B 140 -12.84 19.23 -12.08
CA TRP B 140 -12.75 17.94 -12.75
C TRP B 140 -11.86 18.23 -13.93
N VAL B 141 -10.71 17.56 -13.98
CA VAL B 141 -9.67 17.88 -14.94
C VAL B 141 -9.33 16.74 -15.89
N LYS B 142 -9.18 17.08 -17.17
CA LYS B 142 -8.79 16.11 -18.17
C LYS B 142 -7.35 15.72 -17.88
N PRO B 143 -7.00 14.44 -18.08
CA PRO B 143 -5.63 14.04 -17.75
C PRO B 143 -4.52 14.93 -18.34
N GLU B 144 -4.73 15.41 -19.56
CA GLU B 144 -3.73 16.23 -20.24
C GLU B 144 -3.64 17.66 -19.68
N GLU B 145 -4.54 18.03 -18.79
CA GLU B 145 -4.49 19.37 -18.24
C GLU B 145 -4.06 19.39 -16.77
N LEU B 146 -3.86 18.21 -16.18
CA LEU B 146 -3.45 18.12 -14.79
C LEU B 146 -2.15 18.89 -14.50
N ALA B 147 -1.20 18.84 -15.41
CA ALA B 147 0.09 19.49 -15.25
C ALA B 147 0.02 21.01 -15.17
N LEU B 148 -1.06 21.59 -15.67
CA LEU B 148 -1.25 23.05 -15.63
C LEU B 148 -1.54 23.60 -14.23
N TYR B 149 -2.06 22.75 -13.34
CA TYR B 149 -2.39 23.13 -11.96
C TYR B 149 -1.16 23.16 -11.05
N ASP B 150 -1.21 24.04 -10.05
CA ASP B 150 -0.13 24.18 -9.08
C ASP B 150 -0.38 23.09 -8.05
N LEU B 151 0.12 21.90 -8.35
CA LEU B 151 -0.07 20.71 -7.54
C LEU B 151 0.88 20.70 -6.35
N ASN B 152 0.41 20.27 -5.19
CA ASN B 152 1.32 20.13 -4.09
C ASN B 152 2.29 18.96 -4.36
N VAL B 153 3.38 18.90 -3.63
CA VAL B 153 4.43 17.93 -3.88
C VAL B 153 3.91 16.49 -3.88
N ALA B 154 3.12 16.12 -2.89
CA ALA B 154 2.64 14.74 -2.80
C ALA B 154 1.73 14.41 -3.96
N THR B 155 0.86 15.35 -4.34
CA THR B 155 -0.03 15.12 -5.47
C THR B 155 0.72 14.99 -6.78
N ARG B 156 1.74 15.82 -6.97
N ARG B 156 1.68 15.88 -7.02
CA ARG B 156 2.57 15.76 -8.16
CA ARG B 156 2.46 15.81 -8.24
C ARG B 156 3.23 14.38 -8.26
C ARG B 156 3.20 14.46 -8.31
N HIS B 157 3.87 13.95 -7.18
N HIS B 157 3.73 14.02 -7.18
CA HIS B 157 4.51 12.63 -7.19
CA HIS B 157 4.45 12.75 -7.08
C HIS B 157 3.52 11.50 -7.47
C HIS B 157 3.53 11.56 -7.44
N THR B 158 2.32 11.58 -6.90
CA THR B 158 1.34 10.54 -7.12
C THR B 158 0.86 10.50 -8.56
N LEU B 159 0.53 11.66 -9.14
CA LEU B 159 0.04 11.69 -10.53
C LEU B 159 1.16 11.30 -11.50
N ALA B 160 2.40 11.71 -11.19
CA ALA B 160 3.53 11.33 -12.02
C ALA B 160 3.66 9.82 -12.05
N LEU B 161 3.60 9.20 -10.87
CA LEU B 161 3.73 7.76 -10.78
C LEU B 161 2.61 7.06 -11.53
N LYS B 162 1.42 7.66 -11.52
CA LYS B 162 0.27 7.09 -12.19
C LYS B 162 0.41 7.25 -13.72
N GLY B 163 1.33 8.11 -14.15
CA GLY B 163 1.61 8.32 -15.56
C GLY B 163 0.73 9.42 -16.16
N LEU B 164 0.16 10.25 -15.29
CA LEU B 164 -0.79 11.30 -15.70
C LEU B 164 -0.19 12.69 -15.98
N LEU B 165 1.08 12.91 -15.66
CA LEU B 165 1.71 14.19 -15.96
C LEU B 165 2.66 13.98 -17.12
#